data_2NLK
#
_entry.id   2NLK
#
_cell.length_a   118.510
_cell.length_b   133.996
_cell.length_c   59.084
_cell.angle_alpha   90.000
_cell.angle_beta   90.000
_cell.angle_gamma   90.000
#
_symmetry.space_group_name_H-M   'P 21 21 2'
#
loop_
_entity.id
_entity.type
_entity.pdbx_description
1 polymer 'Protein tyrosine phosphatase, receptor type, G variant (Fragment)'
2 water water
#
_entity_poly.entity_id   1
_entity_poly.type   'polypeptide(L)'
_entity_poly.pdbx_seq_one_letter_code
;MAIPVKQFVKHIGELYSNNQHGFSEDFEEVQRCTADMNITAEHSNHPENKHKNRYINILAYDHSRVKLRPLPGKDSKHSD
YINANYVDGYNKAKAYIATQGPLKSTFEDFWRMIWEQNTGIIVMITNLVEKGRRKCDQYWPTENSEEYGNIIVTLKSTKI
HACYTVRRFSIRNTKVKKGQKGNPKGRQNERVVIQYHYTQWPDMGVPEYALPVLTFVRRSSAARMPETGPVLVHCSAGVG
RTGTYIVIDSMLQQIKDKSTVNVLGFLKHIRTQRNYLVQTEEQYIFIHDALLEAILGKETEVSSNQLHSYVNSILIPGVG
GKTRLEKQFKLVTQCNAKYVECFSAQKECNKEKNRNSSVVPSERARVGLAPLPGMKGTDYINASYIMGYYRSNEFIITQH
PLPHTTKDFWRMIWDHNAQIIVMLPDNQSLAEDEFVYWPSREESMNCEAFTVTLISKDRLCLSNEEQIIIHDFILEATQD
DYVLEVRHFQCPKWPNPDAPISSTFELINVIKEEALTRDGPTIVHDEYGAVSAGMLCALTTLSQQLENENAVDVFQVAKM
INLMRPGVFTDIEQYQFIYKAMLSLVSTKENGNGPMTVDKNGAVLIADESDPAESMESLVAHHHHHH
;
_entity_poly.pdbx_strand_id   A
#
# COMPACT_ATOMS: atom_id res chain seq x y z
N ALA A 2 11.68 -19.65 -19.01
CA ALA A 2 12.64 -19.42 -20.14
C ALA A 2 13.98 -18.84 -19.67
N ILE A 3 13.98 -18.14 -18.53
CA ILE A 3 15.20 -17.53 -17.96
C ILE A 3 15.41 -18.00 -16.50
N PRO A 4 16.40 -18.89 -16.26
CA PRO A 4 16.67 -19.30 -14.87
C PRO A 4 16.80 -18.09 -13.94
N VAL A 5 16.31 -18.22 -12.71
CA VAL A 5 16.16 -17.07 -11.82
C VAL A 5 17.51 -16.47 -11.35
N LYS A 6 18.59 -17.23 -11.51
CA LYS A 6 19.94 -16.75 -11.21
C LYS A 6 20.42 -15.78 -12.29
N GLN A 7 19.87 -15.89 -13.50
CA GLN A 7 20.28 -15.01 -14.60
C GLN A 7 19.55 -13.67 -14.58
N PHE A 8 18.69 -13.43 -13.58
CA PHE A 8 17.75 -12.29 -13.61
C PHE A 8 18.37 -10.95 -13.21
N VAL A 9 19.14 -10.94 -12.12
CA VAL A 9 19.97 -9.78 -11.77
C VAL A 9 20.67 -9.29 -13.04
N LYS A 10 21.31 -10.22 -13.74
CA LYS A 10 22.08 -9.95 -14.95
C LYS A 10 21.20 -9.60 -16.14
N HIS A 11 20.04 -10.25 -16.21
CA HIS A 11 19.08 -10.08 -17.31
C HIS A 11 18.49 -8.68 -17.35
N ILE A 12 18.13 -8.14 -16.19
CA ILE A 12 17.49 -6.82 -16.11
C ILE A 12 18.54 -5.74 -16.34
N GLY A 13 19.77 -6.03 -15.95
CA GLY A 13 20.91 -5.17 -16.20
C GLY A 13 21.11 -4.91 -17.68
N GLU A 14 20.96 -5.97 -18.48
CA GLU A 14 21.05 -5.90 -19.96
C GLU A 14 19.82 -5.26 -20.62
N LEU A 15 18.68 -5.31 -19.95
CA LEU A 15 17.49 -4.63 -20.44
C LEU A 15 17.60 -3.14 -20.15
N TYR A 16 18.23 -2.79 -19.02
CA TYR A 16 18.42 -1.40 -18.64
C TYR A 16 19.52 -0.72 -19.45
N SER A 17 20.46 -1.52 -19.95
CA SER A 17 21.66 -1.01 -20.58
C SER A 17 21.37 -0.46 -21.96
N ASN A 18 22.27 0.42 -22.43
CA ASN A 18 22.15 1.04 -23.75
C ASN A 18 20.81 1.76 -23.85
N ASN A 19 20.66 2.78 -23.01
CA ASN A 19 19.41 3.56 -22.88
C ASN A 19 18.16 2.69 -22.83
N GLN A 20 18.19 1.63 -22.02
CA GLN A 20 17.03 0.71 -21.86
C GLN A 20 16.44 0.20 -23.20
N HIS A 21 17.31 -0.15 -24.14
CA HIS A 21 16.91 -0.49 -25.52
C HIS A 21 16.20 -1.82 -25.54
N GLY A 22 16.64 -2.70 -24.64
CA GLY A 22 16.02 -4.03 -24.46
C GLY A 22 14.59 -3.99 -23.98
N PHE A 23 14.33 -3.20 -22.94
CA PHE A 23 12.95 -2.96 -22.48
C PHE A 23 12.06 -2.40 -23.60
N SER A 24 12.60 -1.43 -24.33
CA SER A 24 11.90 -0.73 -25.41
C SER A 24 11.53 -1.65 -26.56
N GLU A 25 12.52 -2.40 -27.04
CA GLU A 25 12.34 -3.47 -28.03
C GLU A 25 11.28 -4.49 -27.62
N ASP A 26 11.45 -4.98 -26.39
CA ASP A 26 10.59 -6.05 -25.81
C ASP A 26 9.17 -5.61 -25.75
N PHE A 27 8.96 -4.45 -25.16
CA PHE A 27 7.59 -3.96 -24.99
C PHE A 27 6.94 -3.60 -26.36
N GLU A 28 7.73 -3.05 -27.28
CA GLU A 28 7.30 -2.90 -28.66
C GLU A 28 6.93 -4.21 -29.35
N GLU A 29 7.67 -5.28 -29.04
CA GLU A 29 7.33 -6.64 -29.49
C GLU A 29 6.01 -7.11 -28.92
N VAL A 30 5.80 -6.91 -27.61
CA VAL A 30 4.52 -7.18 -26.95
C VAL A 30 3.38 -6.40 -27.63
N GLN A 31 3.58 -5.09 -27.84
CA GLN A 31 2.59 -4.25 -28.54
C GLN A 31 2.20 -4.76 -29.94
N ARG A 32 3.15 -5.27 -30.72
CA ARG A 32 2.85 -5.71 -32.12
C ARG A 32 2.56 -7.22 -32.30
N CYS A 33 2.61 -8.00 -31.23
CA CYS A 33 2.60 -9.47 -31.34
C CYS A 33 1.26 -10.15 -31.65
N THR A 34 0.16 -9.40 -31.63
CA THR A 34 -1.13 -9.96 -32.01
C THR A 34 -1.79 -9.26 -33.20
N ALA A 35 -1.16 -8.23 -33.76
CA ALA A 35 -1.73 -7.47 -34.85
C ALA A 35 -2.14 -8.37 -36.02
N ASP A 36 -1.21 -9.23 -36.42
CA ASP A 36 -1.38 -10.15 -37.54
C ASP A 36 -2.38 -11.29 -37.32
N MET A 37 -2.81 -11.47 -36.07
CA MET A 37 -3.73 -12.54 -35.71
C MET A 37 -5.20 -12.15 -35.98
N ASN A 38 -5.44 -10.86 -36.20
CA ASN A 38 -6.76 -10.36 -36.55
C ASN A 38 -7.83 -10.81 -35.57
N ILE A 39 -7.55 -10.66 -34.27
CA ILE A 39 -8.42 -11.08 -33.19
C ILE A 39 -9.65 -10.16 -33.23
N THR A 40 -10.84 -10.72 -33.25
CA THR A 40 -12.05 -9.90 -33.33
C THR A 40 -12.66 -9.62 -31.94
N ALA A 41 -13.44 -8.54 -31.91
CA ALA A 41 -14.18 -8.11 -30.72
C ALA A 41 -15.51 -7.48 -31.18
N GLU A 42 -16.37 -8.32 -31.77
CA GLU A 42 -17.60 -7.85 -32.43
C GLU A 42 -18.77 -7.55 -31.45
N HIS A 43 -18.87 -8.33 -30.38
CA HIS A 43 -19.87 -8.13 -29.33
C HIS A 43 -19.59 -6.88 -28.51
N SER A 44 -18.33 -6.67 -28.13
CA SER A 44 -17.85 -5.39 -27.58
C SER A 44 -18.28 -4.18 -28.41
N ASN A 45 -18.13 -4.33 -29.72
CA ASN A 45 -18.43 -3.26 -30.68
C ASN A 45 -19.87 -3.18 -31.15
N HIS A 46 -20.72 -4.12 -30.70
CA HIS A 46 -22.11 -4.06 -31.05
C HIS A 46 -22.75 -2.87 -30.36
N PRO A 47 -23.51 -2.06 -31.12
CA PRO A 47 -24.19 -0.87 -30.58
C PRO A 47 -24.94 -1.07 -29.29
N GLU A 48 -25.55 -2.24 -29.10
CA GLU A 48 -26.38 -2.55 -27.92
C GLU A 48 -25.57 -2.78 -26.63
N ASN A 49 -24.28 -3.04 -26.80
CA ASN A 49 -23.36 -3.30 -25.70
C ASN A 49 -22.46 -2.08 -25.43
N LYS A 50 -22.70 -1.01 -26.18
CA LYS A 50 -21.91 0.19 -26.13
C LYS A 50 -21.88 0.82 -24.74
N HIS A 51 -23.03 0.88 -24.06
CA HIS A 51 -23.16 1.43 -22.69
C HIS A 51 -22.55 0.58 -21.56
N LYS A 52 -22.13 -0.65 -21.89
CA LYS A 52 -21.58 -1.65 -20.97
C LYS A 52 -20.06 -1.71 -21.05
N ASN A 53 -19.49 -0.83 -21.89
CA ASN A 53 -18.05 -0.62 -22.01
C ASN A 53 -17.69 0.71 -21.38
N ARG A 54 -16.67 0.72 -20.52
CA ARG A 54 -16.21 1.94 -19.86
C ARG A 54 -15.55 2.86 -20.88
N TYR A 55 -14.66 2.30 -21.70
CA TYR A 55 -13.98 3.08 -22.73
C TYR A 55 -14.19 2.45 -24.12
N ILE A 56 -14.41 3.32 -25.11
CA ILE A 56 -14.71 2.94 -26.51
C ILE A 56 -13.65 2.03 -27.16
N ASN A 57 -12.40 2.25 -26.74
CA ASN A 57 -11.16 1.63 -27.28
C ASN A 57 -10.76 0.31 -26.59
N ILE A 58 -11.39 0.01 -25.47
CA ILE A 58 -10.97 -1.13 -24.65
C ILE A 58 -12.03 -2.22 -24.71
N LEU A 59 -11.70 -3.32 -25.37
CA LEU A 59 -12.68 -4.27 -25.84
C LEU A 59 -12.41 -5.61 -25.19
N ALA A 60 -13.40 -6.49 -25.27
CA ALA A 60 -13.27 -7.92 -24.91
C ALA A 60 -13.33 -8.75 -26.20
N TYR A 61 -12.19 -9.35 -26.54
CA TYR A 61 -12.04 -10.25 -27.66
C TYR A 61 -13.05 -11.39 -27.61
N ASP A 62 -13.65 -11.71 -28.75
CA ASP A 62 -14.75 -12.67 -28.80
C ASP A 62 -14.39 -14.07 -28.28
N HIS A 63 -13.20 -14.55 -28.62
CA HIS A 63 -12.82 -15.93 -28.33
C HIS A 63 -12.60 -16.23 -26.85
N SER A 64 -12.27 -15.22 -26.05
CA SER A 64 -11.86 -15.37 -24.61
C SER A 64 -12.75 -14.58 -23.62
N ARG A 65 -13.72 -13.86 -24.15
CA ARG A 65 -14.64 -13.09 -23.39
C ARG A 65 -15.43 -14.02 -22.50
N VAL A 66 -15.67 -13.57 -21.28
CA VAL A 66 -16.55 -14.26 -20.37
C VAL A 66 -17.96 -13.99 -20.87
N LYS A 67 -18.76 -15.06 -20.97
CA LYS A 67 -20.15 -14.91 -21.41
C LYS A 67 -21.09 -15.07 -20.23
N LEU A 68 -22.05 -14.16 -20.11
CA LEU A 68 -23.15 -14.34 -19.16
C LEU A 68 -24.19 -15.29 -19.76
N ARG A 69 -24.76 -16.19 -18.95
CA ARG A 69 -25.91 -16.99 -19.39
C ARG A 69 -27.03 -16.07 -19.95
N PRO A 70 -27.64 -16.44 -21.08
CA PRO A 70 -28.75 -15.59 -21.58
C PRO A 70 -29.93 -15.43 -20.57
N LEU A 71 -30.55 -14.24 -20.59
CA LEU A 71 -31.76 -13.97 -19.83
C LEU A 71 -32.93 -13.74 -20.79
N PRO A 72 -34.15 -14.12 -20.35
CA PRO A 72 -35.37 -13.80 -21.10
C PRO A 72 -35.70 -12.29 -21.06
N HIS A 78 -27.86 -10.06 -26.49
CA HIS A 78 -26.76 -9.23 -25.98
C HIS A 78 -26.67 -9.19 -24.45
N SER A 79 -27.55 -9.93 -23.80
CA SER A 79 -27.53 -10.08 -22.34
C SER A 79 -26.32 -10.90 -21.90
N ASP A 80 -25.75 -11.68 -22.81
CA ASP A 80 -24.54 -12.46 -22.54
C ASP A 80 -23.25 -11.64 -22.40
N TYR A 81 -23.28 -10.35 -22.74
CA TYR A 81 -22.06 -9.57 -22.82
C TYR A 81 -21.57 -8.82 -21.56
N ILE A 82 -20.29 -9.03 -21.26
CA ILE A 82 -19.56 -8.29 -20.25
C ILE A 82 -18.12 -8.08 -20.78
N ASN A 83 -17.57 -6.89 -20.51
CA ASN A 83 -16.19 -6.54 -20.89
C ASN A 83 -15.24 -7.14 -19.84
N ALA A 84 -14.98 -8.43 -20.08
CA ALA A 84 -14.22 -9.29 -19.21
C ALA A 84 -13.64 -10.38 -20.10
N ASN A 85 -12.39 -10.78 -19.88
CA ASN A 85 -11.82 -11.93 -20.55
C ASN A 85 -11.19 -12.90 -19.56
N TYR A 86 -11.26 -14.19 -19.88
CA TYR A 86 -10.43 -15.19 -19.21
C TYR A 86 -8.98 -14.94 -19.63
N VAL A 87 -8.08 -15.22 -18.71
CA VAL A 87 -6.68 -14.92 -18.89
C VAL A 87 -6.00 -16.01 -18.09
N ASP A 88 -4.98 -16.63 -18.68
CA ASP A 88 -4.27 -17.69 -18.03
C ASP A 88 -3.45 -17.17 -16.88
N GLY A 89 -3.12 -18.10 -15.99
CA GLY A 89 -2.07 -17.91 -15.02
C GLY A 89 -0.92 -18.85 -15.29
N TYR A 90 -0.11 -19.02 -14.25
CA TYR A 90 0.97 -20.01 -14.27
C TYR A 90 0.45 -21.44 -14.03
N ASN A 91 0.74 -22.32 -15.01
CA ASN A 91 0.31 -23.70 -14.95
C ASN A 91 -1.20 -23.91 -14.82
N LYS A 92 -1.99 -22.91 -15.22
CA LYS A 92 -3.45 -22.98 -15.08
C LYS A 92 -4.10 -22.14 -16.12
N ALA A 93 -4.93 -22.79 -16.93
CA ALA A 93 -5.79 -22.13 -17.88
C ALA A 93 -6.93 -21.43 -17.16
N LYS A 94 -7.26 -20.24 -17.65
CA LYS A 94 -8.37 -19.44 -17.15
C LYS A 94 -8.30 -19.18 -15.63
N ALA A 95 -7.10 -18.81 -15.16
CA ALA A 95 -6.85 -18.53 -13.74
C ALA A 95 -7.48 -17.23 -13.32
N TYR A 96 -7.55 -16.28 -14.24
CA TYR A 96 -8.13 -14.98 -13.99
C TYR A 96 -9.31 -14.63 -14.92
N ILE A 97 -10.29 -13.84 -14.42
CA ILE A 97 -11.12 -12.97 -15.27
C ILE A 97 -10.55 -11.55 -15.12
N ALA A 98 -10.03 -10.98 -16.22
CA ALA A 98 -9.63 -9.57 -16.25
C ALA A 98 -10.74 -8.73 -16.90
N THR A 99 -11.14 -7.67 -16.23
CA THR A 99 -12.38 -6.97 -16.57
C THR A 99 -12.19 -5.50 -16.22
N GLN A 100 -13.00 -4.65 -16.85
CA GLN A 100 -13.09 -3.25 -16.46
C GLN A 100 -13.69 -2.97 -15.08
N GLY A 101 -13.39 -1.79 -14.54
CA GLY A 101 -14.12 -1.32 -13.41
C GLY A 101 -15.57 -1.24 -13.80
N PRO A 102 -16.43 -1.98 -13.07
CA PRO A 102 -17.85 -1.96 -13.45
C PRO A 102 -18.52 -0.57 -13.45
N LEU A 103 -19.59 -0.48 -14.24
CA LEU A 103 -20.40 0.73 -14.35
C LEU A 103 -21.70 0.48 -13.60
N LYS A 104 -22.43 1.54 -13.24
CA LYS A 104 -23.77 1.36 -12.65
C LYS A 104 -24.68 0.46 -13.52
N SER A 105 -24.62 0.64 -14.84
CA SER A 105 -25.38 -0.16 -15.78
C SER A 105 -24.94 -1.60 -15.86
N THR A 106 -23.71 -1.91 -15.39
CA THR A 106 -23.20 -3.30 -15.41
C THR A 106 -22.95 -3.97 -14.06
N PHE A 107 -23.31 -3.33 -12.94
CA PHE A 107 -23.24 -3.92 -11.58
C PHE A 107 -23.89 -5.31 -11.48
N GLU A 108 -25.10 -5.45 -12.02
CA GLU A 108 -25.80 -6.74 -12.04
C GLU A 108 -25.02 -7.81 -12.78
N ASP A 109 -24.64 -7.51 -14.02
CA ASP A 109 -23.82 -8.39 -14.88
C ASP A 109 -22.53 -8.86 -14.19
N PHE A 110 -21.79 -7.91 -13.62
CA PHE A 110 -20.59 -8.16 -12.80
C PHE A 110 -20.86 -9.20 -11.68
N TRP A 111 -21.83 -8.98 -10.82
CA TRP A 111 -22.07 -9.89 -9.69
C TRP A 111 -22.62 -11.24 -10.15
N ARG A 112 -23.44 -11.20 -11.20
CA ARG A 112 -23.92 -12.39 -11.89
C ARG A 112 -22.78 -13.25 -12.45
N MET A 113 -21.84 -12.62 -13.17
CA MET A 113 -20.63 -13.28 -13.59
C MET A 113 -19.78 -13.82 -12.43
N ILE A 114 -19.69 -13.09 -11.31
CA ILE A 114 -19.00 -13.64 -10.15
C ILE A 114 -19.73 -14.90 -9.62
N TRP A 115 -21.06 -14.86 -9.50
CA TRP A 115 -21.83 -16.08 -9.15
C TRP A 115 -21.61 -17.23 -10.17
N GLU A 116 -21.78 -16.92 -11.46
CA GLU A 116 -21.74 -17.92 -12.52
C GLU A 116 -20.40 -18.57 -12.75
N GLN A 117 -19.34 -17.89 -12.36
CA GLN A 117 -18.02 -18.41 -12.60
C GLN A 117 -17.42 -19.03 -11.36
N ASN A 118 -18.15 -18.98 -10.23
CA ASN A 118 -17.68 -19.49 -8.94
C ASN A 118 -16.46 -18.74 -8.44
N THR A 119 -16.47 -17.42 -8.64
CA THR A 119 -15.39 -16.58 -8.24
C THR A 119 -15.51 -16.28 -6.73
N GLY A 120 -14.39 -16.42 -6.01
CA GLY A 120 -14.32 -16.10 -4.59
C GLY A 120 -13.43 -14.93 -4.23
N ILE A 121 -12.50 -14.60 -5.14
CA ILE A 121 -11.63 -13.44 -4.99
C ILE A 121 -11.79 -12.36 -6.08
N ILE A 122 -11.90 -11.11 -5.63
CA ILE A 122 -11.80 -9.92 -6.45
C ILE A 122 -10.52 -9.18 -6.03
N VAL A 123 -9.62 -8.89 -6.98
CA VAL A 123 -8.53 -7.93 -6.84
C VAL A 123 -8.94 -6.63 -7.56
N MET A 124 -9.13 -5.55 -6.78
CA MET A 124 -9.41 -4.20 -7.29
C MET A 124 -8.20 -3.30 -7.14
N ILE A 125 -7.58 -2.92 -8.24
CA ILE A 125 -6.35 -2.11 -8.19
C ILE A 125 -6.61 -0.70 -8.68
N THR A 126 -7.57 -0.04 -8.08
CA THR A 126 -7.91 1.33 -8.44
C THR A 126 -8.65 1.91 -7.25
N ASN A 127 -8.58 3.23 -7.11
CA ASN A 127 -9.60 3.95 -6.37
C ASN A 127 -10.76 4.31 -7.33
N LEU A 128 -11.87 4.72 -6.75
CA LEU A 128 -13.09 5.06 -7.46
C LEU A 128 -12.95 6.35 -8.23
N VAL A 129 -12.36 7.31 -7.56
CA VAL A 129 -12.12 8.62 -8.05
C VAL A 129 -10.62 8.81 -7.78
N GLU A 130 -9.91 9.29 -8.79
CA GLU A 130 -8.48 9.51 -8.71
C GLU A 130 -8.23 10.80 -9.46
N LYS A 131 -7.70 11.79 -8.75
CA LYS A 131 -7.35 13.10 -9.33
C LYS A 131 -8.54 13.77 -10.04
N GLY A 132 -9.67 13.81 -9.36
CA GLY A 132 -10.85 14.40 -9.93
C GLY A 132 -11.53 13.64 -11.04
N ARG A 133 -11.08 12.42 -11.34
CA ARG A 133 -11.65 11.63 -12.44
C ARG A 133 -12.30 10.34 -11.95
N ARG A 134 -13.51 10.09 -12.42
CA ARG A 134 -14.20 8.86 -12.12
C ARG A 134 -13.51 7.70 -12.86
N LYS A 135 -12.98 6.75 -12.10
CA LYS A 135 -12.30 5.58 -12.64
C LYS A 135 -13.11 4.28 -12.43
N CYS A 136 -13.95 4.24 -11.42
CA CYS A 136 -14.72 3.03 -11.18
C CYS A 136 -15.93 3.41 -10.37
N ASP A 137 -17.09 2.83 -10.68
CA ASP A 137 -18.28 3.00 -9.83
C ASP A 137 -18.24 2.01 -8.70
N GLN A 138 -19.01 2.29 -7.65
CA GLN A 138 -18.96 1.52 -6.41
C GLN A 138 -20.02 0.44 -6.43
N TYR A 139 -19.53 -0.77 -6.68
CA TYR A 139 -20.33 -1.94 -7.02
C TYR A 139 -20.62 -2.76 -5.79
N TRP A 140 -20.30 -2.23 -4.61
CA TRP A 140 -20.49 -2.93 -3.37
C TRP A 140 -21.19 -2.00 -2.37
N PRO A 141 -21.93 -2.56 -1.38
CA PRO A 141 -22.55 -1.70 -0.38
C PRO A 141 -21.54 -1.11 0.61
N THR A 142 -21.70 0.18 0.93
CA THR A 142 -20.86 0.83 1.90
C THR A 142 -20.99 0.17 3.27
N GLU A 143 -22.21 -0.14 3.65
CA GLU A 143 -22.42 -0.96 4.81
C GLU A 143 -23.65 -1.76 4.59
N ASN A 144 -23.76 -2.83 5.37
CA ASN A 144 -24.92 -3.72 5.31
C ASN A 144 -25.04 -4.37 3.91
N SER A 145 -26.20 -4.26 3.27
CA SER A 145 -26.51 -5.04 2.07
C SER A 145 -27.00 -4.18 0.91
N GLU A 146 -26.83 -4.73 -0.29
CA GLU A 146 -27.40 -4.14 -1.47
C GLU A 146 -27.72 -5.23 -2.50
N GLU A 147 -28.75 -4.92 -3.29
CA GLU A 147 -29.32 -5.81 -4.26
C GLU A 147 -28.88 -5.42 -5.70
N TYR A 148 -28.36 -6.43 -6.40
CA TYR A 148 -27.91 -6.34 -7.78
C TYR A 148 -28.59 -7.48 -8.53
N GLY A 149 -29.84 -7.22 -8.95
CA GLY A 149 -30.62 -8.24 -9.62
C GLY A 149 -30.95 -9.29 -8.60
N ASN A 150 -30.48 -10.52 -8.86
CA ASN A 150 -30.77 -11.67 -8.01
C ASN A 150 -29.73 -11.93 -6.95
N ILE A 151 -28.67 -11.13 -6.94
CA ILE A 151 -27.57 -11.30 -6.00
C ILE A 151 -27.61 -10.19 -4.96
N ILE A 152 -27.68 -10.60 -3.70
CA ILE A 152 -27.66 -9.71 -2.53
C ILE A 152 -26.27 -9.78 -1.95
N VAL A 153 -25.60 -8.63 -1.90
CA VAL A 153 -24.20 -8.58 -1.50
C VAL A 153 -24.15 -7.87 -0.16
N THR A 154 -23.64 -8.55 0.86
CA THR A 154 -23.61 -8.04 2.24
C THR A 154 -22.16 -7.85 2.65
N LEU A 155 -21.82 -6.68 3.19
CA LEU A 155 -20.50 -6.42 3.79
C LEU A 155 -20.40 -7.05 5.19
N LYS A 156 -19.47 -8.00 5.37
CA LYS A 156 -19.31 -8.72 6.63
C LYS A 156 -18.23 -8.08 7.53
N SER A 157 -17.14 -7.62 6.92
CA SER A 157 -16.09 -6.94 7.64
C SER A 157 -15.26 -6.14 6.67
N THR A 158 -14.53 -5.16 7.22
CA THR A 158 -13.53 -4.36 6.50
C THR A 158 -12.24 -4.35 7.31
N LYS A 159 -11.14 -4.79 6.69
CA LYS A 159 -9.79 -4.67 7.26
C LYS A 159 -8.99 -3.64 6.43
N ILE A 160 -8.62 -2.52 7.06
CA ILE A 160 -7.82 -1.45 6.43
C ILE A 160 -6.33 -1.58 6.76
N HIS A 161 -5.49 -1.65 5.72
CA HIS A 161 -4.03 -1.48 5.88
C HIS A 161 -3.61 -0.24 5.12
N ALA A 162 -2.33 0.11 5.26
CA ALA A 162 -1.76 1.34 4.66
C ALA A 162 -1.98 1.46 3.15
N CYS A 163 -1.72 0.36 2.45
CA CYS A 163 -1.77 0.31 0.97
C CYS A 163 -2.96 -0.42 0.37
N TYR A 164 -3.58 -1.34 1.11
CA TYR A 164 -4.80 -2.01 0.62
C TYR A 164 -5.83 -2.25 1.71
N THR A 165 -7.08 -2.46 1.30
CA THR A 165 -8.20 -2.74 2.21
C THR A 165 -8.86 -4.08 1.81
N VAL A 166 -9.12 -4.94 2.80
CA VAL A 166 -9.80 -6.21 2.56
C VAL A 166 -11.25 -6.08 3.04
N ARG A 167 -12.17 -6.42 2.15
CA ARG A 167 -13.55 -6.41 2.43
C ARG A 167 -14.09 -7.79 2.22
N ARG A 168 -14.59 -8.38 3.31
CA ARG A 168 -15.29 -9.66 3.29
C ARG A 168 -16.79 -9.46 3.02
N PHE A 169 -17.29 -10.10 1.97
CA PHE A 169 -18.71 -10.06 1.59
C PHE A 169 -19.28 -11.46 1.64
N SER A 170 -20.55 -11.57 1.96
CA SER A 170 -21.34 -12.77 1.68
C SER A 170 -22.30 -12.36 0.60
N ILE A 171 -22.36 -13.17 -0.45
CA ILE A 171 -23.31 -12.92 -1.51
C ILE A 171 -24.33 -14.05 -1.48
N ARG A 172 -25.59 -13.69 -1.75
CA ARG A 172 -26.73 -14.62 -1.72
C ARG A 172 -27.44 -14.53 -3.06
N ASN A 173 -27.61 -15.67 -3.73
CA ASN A 173 -28.36 -15.74 -4.97
C ASN A 173 -29.74 -16.22 -4.63
N THR A 174 -30.74 -15.35 -4.81
CA THR A 174 -32.10 -15.63 -4.42
C THR A 174 -32.78 -16.71 -5.29
N LYS A 175 -32.31 -16.90 -6.53
CA LYS A 175 -32.92 -17.90 -7.41
C LYS A 175 -32.20 -19.27 -7.38
N VAL A 176 -31.38 -19.49 -6.33
CA VAL A 176 -30.61 -20.72 -6.16
C VAL A 176 -31.08 -21.41 -4.86
N LYS A 177 -31.15 -22.73 -4.88
CA LYS A 177 -31.64 -23.54 -3.76
C LYS A 177 -30.66 -23.49 -2.54
N LYS A 178 -31.18 -23.64 -1.32
CA LYS A 178 -30.40 -23.49 -0.07
C LYS A 178 -29.58 -24.70 0.36
N GLY A 179 -29.93 -25.88 -0.16
CA GLY A 179 -29.29 -27.14 0.24
C GLY A 179 -29.85 -27.78 1.51
N GLN A 180 -29.10 -28.76 2.01
CA GLN A 180 -29.43 -29.48 3.22
C GLN A 180 -29.03 -28.73 4.49
N LYS A 181 -29.90 -28.80 5.50
CA LYS A 181 -29.69 -28.10 6.79
C LYS A 181 -28.42 -28.50 7.55
N GLY A 182 -28.07 -29.79 7.56
CA GLY A 182 -26.83 -30.16 8.24
C GLY A 182 -25.50 -29.65 7.66
N ASN A 183 -25.54 -28.90 6.56
CA ASN A 183 -24.38 -28.77 5.67
C ASN A 183 -23.24 -28.01 6.33
N PRO A 184 -22.04 -28.64 6.42
CA PRO A 184 -20.84 -27.98 6.99
C PRO A 184 -20.34 -26.77 6.20
N LYS A 185 -20.47 -26.83 4.88
CA LYS A 185 -20.15 -25.71 4.00
C LYS A 185 -21.14 -24.52 4.13
N GLY A 186 -22.25 -24.74 4.82
CA GLY A 186 -23.29 -23.73 4.98
C GLY A 186 -24.30 -23.82 3.85
N ARG A 187 -25.09 -22.75 3.73
CA ARG A 187 -26.14 -22.59 2.73
C ARG A 187 -25.59 -22.40 1.32
N GLN A 188 -26.06 -23.25 0.41
CA GLN A 188 -25.49 -23.38 -0.91
C GLN A 188 -25.87 -22.27 -1.89
N ASN A 189 -26.85 -21.43 -1.52
CA ASN A 189 -27.11 -20.17 -2.24
C ASN A 189 -26.36 -18.94 -1.66
N GLU A 190 -25.33 -19.18 -0.86
CA GLU A 190 -24.51 -18.12 -0.28
C GLU A 190 -23.07 -18.53 -0.46
N ARG A 191 -22.22 -17.53 -0.72
CA ARG A 191 -20.79 -17.75 -0.82
C ARG A 191 -20.08 -16.55 -0.30
N VAL A 192 -18.83 -16.74 0.11
CA VAL A 192 -17.96 -15.66 0.50
C VAL A 192 -17.14 -15.17 -0.71
N VAL A 193 -17.15 -13.84 -0.88
CA VAL A 193 -16.25 -13.14 -1.79
C VAL A 193 -15.39 -12.15 -1.00
N ILE A 194 -14.07 -12.33 -1.09
CA ILE A 194 -13.10 -11.38 -0.51
C ILE A 194 -12.52 -10.47 -1.57
N GLN A 195 -12.73 -9.18 -1.38
CA GLN A 195 -12.15 -8.11 -2.21
C GLN A 195 -10.88 -7.56 -1.57
N TYR A 196 -9.77 -7.74 -2.28
CA TYR A 196 -8.45 -7.22 -1.96
C TYR A 196 -8.28 -5.95 -2.80
N HIS A 197 -8.41 -4.79 -2.16
CA HIS A 197 -8.49 -3.50 -2.86
C HIS A 197 -7.20 -2.71 -2.54
N TYR A 198 -6.37 -2.52 -3.57
CA TYR A 198 -5.16 -1.73 -3.43
C TYR A 198 -5.56 -0.30 -3.55
N THR A 199 -5.11 0.51 -2.58
CA THR A 199 -5.61 1.88 -2.41
C THR A 199 -4.55 2.93 -2.68
N GLN A 200 -3.31 2.50 -2.94
CA GLN A 200 -2.19 3.42 -3.01
C GLN A 200 -1.47 3.50 -4.38
N TRP A 201 -2.10 2.92 -5.40
CA TRP A 201 -1.60 3.04 -6.76
C TRP A 201 -1.72 4.47 -7.27
N PRO A 202 -0.58 5.06 -7.61
CA PRO A 202 -0.56 6.43 -8.15
C PRO A 202 -1.51 6.59 -9.33
N ASP A 203 -2.09 7.78 -9.47
CA ASP A 203 -2.90 8.09 -10.64
C ASP A 203 -2.04 8.36 -11.87
N MET A 204 -0.76 8.59 -11.64
CA MET A 204 0.20 8.69 -12.74
C MET A 204 1.29 7.63 -12.62
N GLY A 205 1.47 6.85 -13.68
CA GLY A 205 2.62 5.99 -13.81
C GLY A 205 2.57 4.79 -12.88
N VAL A 206 3.74 4.34 -12.43
CA VAL A 206 3.84 3.11 -11.66
C VAL A 206 4.25 3.39 -10.22
N PRO A 207 4.04 2.40 -9.35
CA PRO A 207 4.32 2.56 -7.92
C PRO A 207 5.81 2.81 -7.66
N GLU A 208 6.11 3.70 -6.73
CA GLU A 208 7.49 4.04 -6.41
C GLU A 208 8.17 2.90 -5.73
N TYR A 209 7.40 2.19 -4.90
CA TYR A 209 7.93 1.07 -4.13
C TYR A 209 7.18 -0.25 -4.47
N ALA A 210 7.95 -1.22 -4.93
CA ALA A 210 7.51 -2.57 -5.19
C ALA A 210 7.13 -3.38 -3.94
N LEU A 211 7.68 -3.04 -2.77
CA LEU A 211 7.47 -3.83 -1.53
C LEU A 211 5.99 -4.02 -1.09
N PRO A 212 5.24 -2.93 -0.91
CA PRO A 212 3.81 -3.04 -0.56
C PRO A 212 2.93 -3.66 -1.64
N VAL A 213 3.37 -3.59 -2.89
CA VAL A 213 2.67 -4.19 -4.01
C VAL A 213 2.92 -5.69 -3.99
N LEU A 214 4.19 -6.07 -3.78
CA LEU A 214 4.59 -7.47 -3.64
C LEU A 214 3.81 -8.11 -2.49
N THR A 215 3.69 -7.40 -1.36
CA THR A 215 2.93 -7.87 -0.20
C THR A 215 1.45 -8.06 -0.56
N PHE A 216 0.89 -7.09 -1.27
CA PHE A 216 -0.49 -7.20 -1.76
C PHE A 216 -0.71 -8.35 -2.73
N VAL A 217 0.18 -8.51 -3.69
CA VAL A 217 0.07 -9.63 -4.68
C VAL A 217 0.09 -10.95 -3.97
N ARG A 218 1.04 -11.09 -3.04
CA ARG A 218 1.24 -12.32 -2.32
C ARG A 218 0.06 -12.72 -1.45
N ARG A 219 -0.54 -11.76 -0.76
CA ARG A 219 -1.68 -12.06 0.12
C ARG A 219 -2.96 -12.33 -0.61
N SER A 220 -3.25 -11.50 -1.61
CA SER A 220 -4.43 -11.67 -2.46
C SER A 220 -4.39 -12.97 -3.24
N SER A 221 -3.18 -13.40 -3.63
CA SER A 221 -2.96 -14.61 -4.42
C SER A 221 -3.08 -15.88 -3.57
N ALA A 222 -2.50 -15.88 -2.37
CA ALA A 222 -2.56 -17.03 -1.47
C ALA A 222 -4.00 -17.25 -0.95
N ALA A 223 -4.87 -16.24 -1.12
CA ALA A 223 -6.29 -16.29 -0.78
C ALA A 223 -7.14 -17.12 -1.76
N ARG A 224 -6.61 -17.44 -2.93
CA ARG A 224 -7.25 -18.39 -3.84
C ARG A 224 -7.35 -19.77 -3.17
N MET A 225 -8.59 -20.24 -3.04
CA MET A 225 -8.89 -21.52 -2.41
C MET A 225 -8.98 -22.60 -3.49
N PRO A 226 -8.73 -23.87 -3.13
CA PRO A 226 -8.90 -24.90 -4.17
C PRO A 226 -10.37 -25.09 -4.58
N GLU A 227 -10.58 -25.80 -5.69
CA GLU A 227 -11.90 -25.96 -6.36
C GLU A 227 -12.70 -24.66 -6.37
N THR A 228 -12.04 -23.59 -6.80
CA THR A 228 -12.67 -22.27 -6.93
C THR A 228 -12.61 -21.78 -8.37
N GLY A 229 -13.47 -20.82 -8.69
CA GLY A 229 -13.49 -20.22 -10.00
C GLY A 229 -12.35 -19.25 -10.17
N PRO A 230 -12.25 -18.60 -11.35
CA PRO A 230 -11.19 -17.64 -11.60
C PRO A 230 -11.20 -16.45 -10.61
N VAL A 231 -10.00 -15.95 -10.29
CA VAL A 231 -9.83 -14.73 -9.56
C VAL A 231 -10.12 -13.58 -10.50
N LEU A 232 -10.99 -12.66 -10.05
CA LEU A 232 -11.37 -11.51 -10.81
C LEU A 232 -10.43 -10.36 -10.43
N VAL A 233 -9.81 -9.76 -11.45
CA VAL A 233 -8.84 -8.66 -11.31
C VAL A 233 -9.38 -7.52 -12.19
N HIS A 234 -9.58 -6.36 -11.60
CA HIS A 234 -9.99 -5.18 -12.36
C HIS A 234 -9.27 -3.94 -11.88
N CYS A 235 -9.28 -2.92 -12.73
CA CYS A 235 -8.84 -1.60 -12.38
C CYS A 235 -9.88 -0.64 -12.94
N SER A 236 -9.49 0.32 -13.77
CA SER A 236 -10.47 1.10 -14.55
C SER A 236 -10.72 0.44 -15.91
N ALA A 237 -9.73 0.42 -16.79
CA ALA A 237 -9.88 -0.21 -18.13
C ALA A 237 -9.86 -1.76 -18.08
N GLY A 238 -9.16 -2.30 -17.07
CA GLY A 238 -9.01 -3.71 -16.89
C GLY A 238 -7.92 -4.33 -17.75
N VAL A 239 -6.87 -3.57 -18.01
CA VAL A 239 -5.78 -3.95 -18.88
C VAL A 239 -4.37 -3.65 -18.28
N GLY A 240 -4.12 -2.43 -17.80
CA GLY A 240 -2.77 -2.02 -17.45
C GLY A 240 -2.29 -2.46 -16.07
N ARG A 241 -2.92 -1.91 -15.03
CA ARG A 241 -2.72 -2.39 -13.64
C ARG A 241 -3.16 -3.80 -13.47
N THR A 242 -4.28 -4.17 -14.09
CA THR A 242 -4.75 -5.55 -14.10
C THR A 242 -3.71 -6.56 -14.68
N GLY A 243 -3.15 -6.25 -15.84
CA GLY A 243 -2.17 -7.13 -16.49
C GLY A 243 -0.87 -7.19 -15.72
N THR A 244 -0.42 -6.04 -15.23
CA THR A 244 0.70 -5.93 -14.29
C THR A 244 0.62 -6.92 -13.13
N TYR A 245 -0.49 -6.86 -12.39
CA TYR A 245 -0.84 -7.80 -11.33
C TYR A 245 -0.74 -9.26 -11.74
N ILE A 246 -1.34 -9.58 -12.90
CA ILE A 246 -1.44 -10.96 -13.40
C ILE A 246 -0.09 -11.50 -13.75
N VAL A 247 0.80 -10.65 -14.26
CA VAL A 247 2.14 -11.09 -14.65
C VAL A 247 3.08 -11.20 -13.44
N ILE A 248 3.05 -10.25 -12.51
CA ILE A 248 3.83 -10.39 -11.28
C ILE A 248 3.35 -11.58 -10.45
N ASP A 249 2.04 -11.74 -10.30
CA ASP A 249 1.47 -12.95 -9.67
C ASP A 249 1.92 -14.24 -10.35
N SER A 250 1.69 -14.37 -11.65
CA SER A 250 2.09 -15.58 -12.38
C SER A 250 3.57 -15.87 -12.31
N MET A 251 4.40 -14.83 -12.43
CA MET A 251 5.84 -15.02 -12.35
C MET A 251 6.30 -15.28 -10.93
N LEU A 252 5.65 -14.67 -9.94
CA LEU A 252 5.91 -15.04 -8.55
C LEU A 252 5.74 -16.53 -8.33
N GLN A 253 4.68 -17.10 -8.92
CA GLN A 253 4.40 -18.53 -8.85
C GLN A 253 5.33 -19.44 -9.72
N GLN A 254 5.81 -18.92 -10.85
CA GLN A 254 6.74 -19.66 -11.70
C GLN A 254 8.09 -19.81 -11.01
N ILE A 255 8.57 -18.71 -10.43
CA ILE A 255 9.84 -18.68 -9.70
C ILE A 255 9.81 -19.73 -8.59
N LYS A 256 8.74 -19.70 -7.78
CA LYS A 256 8.54 -20.64 -6.67
C LYS A 256 8.65 -22.14 -7.10
N ASP A 257 8.20 -22.43 -8.32
CA ASP A 257 7.99 -23.79 -8.79
C ASP A 257 9.15 -24.33 -9.64
N LYS A 258 9.65 -23.52 -10.57
CA LYS A 258 10.74 -23.93 -11.44
C LYS A 258 12.06 -23.19 -11.16
N SER A 259 11.96 -22.01 -10.53
CA SER A 259 13.12 -21.10 -10.38
C SER A 259 13.52 -20.53 -11.75
N THR A 260 12.50 -20.27 -12.59
CA THR A 260 12.65 -19.57 -13.86
C THR A 260 11.68 -18.40 -13.87
N VAL A 261 11.83 -17.54 -14.87
CA VAL A 261 11.00 -16.36 -15.04
C VAL A 261 10.81 -16.23 -16.55
N ASN A 262 9.64 -15.81 -16.99
CA ASN A 262 9.27 -15.83 -18.41
C ASN A 262 8.32 -14.65 -18.75
N VAL A 263 8.77 -13.44 -18.44
CA VAL A 263 7.86 -12.27 -18.52
C VAL A 263 7.35 -12.04 -19.94
N LEU A 264 8.29 -12.00 -20.89
CA LEU A 264 7.99 -11.66 -22.26
C LEU A 264 7.10 -12.70 -22.92
N GLY A 265 7.45 -13.99 -22.79
CA GLY A 265 6.70 -15.05 -23.43
C GLY A 265 5.31 -15.22 -22.84
N PHE A 266 5.22 -15.17 -21.52
CA PHE A 266 3.96 -15.21 -20.81
C PHE A 266 3.07 -14.02 -21.18
N LEU A 267 3.64 -12.79 -21.16
CA LEU A 267 2.91 -11.56 -21.52
C LEU A 267 2.44 -11.59 -22.97
N LYS A 268 3.28 -12.03 -23.88
CA LYS A 268 2.84 -12.16 -25.28
C LYS A 268 1.69 -13.15 -25.45
N HIS A 269 1.71 -14.24 -24.67
CA HIS A 269 0.59 -15.19 -24.63
C HIS A 269 -0.72 -14.53 -24.23
N ILE A 270 -0.72 -13.84 -23.11
CA ILE A 270 -1.96 -13.31 -22.54
C ILE A 270 -2.52 -12.13 -23.31
N ARG A 271 -1.68 -11.46 -24.09
CA ARG A 271 -2.18 -10.48 -25.03
C ARG A 271 -3.06 -11.06 -26.18
N THR A 272 -3.03 -12.38 -26.36
CA THR A 272 -4.03 -13.07 -27.19
C THR A 272 -5.40 -13.17 -26.49
N GLN A 273 -5.42 -12.93 -25.19
CA GLN A 273 -6.57 -13.14 -24.37
C GLN A 273 -7.33 -11.85 -24.05
N ARG A 274 -6.60 -10.74 -23.87
CA ARG A 274 -7.18 -9.43 -23.69
C ARG A 274 -6.20 -8.40 -24.19
N ASN A 275 -6.74 -7.41 -24.91
CA ASN A 275 -5.98 -6.26 -25.41
C ASN A 275 -5.36 -5.37 -24.34
N TYR A 276 -4.18 -4.84 -24.64
CA TYR A 276 -3.58 -3.80 -23.81
C TYR A 276 -3.31 -4.30 -22.40
N LEU A 277 -3.20 -5.61 -22.26
CA LEU A 277 -2.34 -6.19 -21.24
C LEU A 277 -0.87 -6.06 -21.60
N VAL A 278 -0.02 -5.89 -20.59
CA VAL A 278 0.03 -4.65 -19.84
C VAL A 278 0.35 -3.46 -20.73
N GLN A 279 0.06 -2.26 -20.25
CA GLN A 279 -0.42 -1.19 -21.12
C GLN A 279 0.71 -0.25 -21.52
N THR A 280 1.66 -0.06 -20.60
CA THR A 280 2.73 0.91 -20.79
C THR A 280 4.10 0.28 -20.57
N GLU A 281 5.12 0.85 -21.21
CA GLU A 281 6.49 0.37 -21.07
C GLU A 281 6.98 0.54 -19.63
N GLU A 282 6.44 1.54 -18.94
CA GLU A 282 6.82 1.80 -17.59
C GLU A 282 6.24 0.75 -16.70
N GLN A 283 5.09 0.20 -17.08
CA GLN A 283 4.46 -0.92 -16.34
C GLN A 283 5.23 -2.24 -16.54
N TYR A 284 5.66 -2.46 -17.78
CA TYR A 284 6.57 -3.55 -18.15
C TYR A 284 7.84 -3.56 -17.35
N ILE A 285 8.46 -2.39 -17.19
CA ILE A 285 9.71 -2.22 -16.44
C ILE A 285 9.48 -2.47 -14.97
N PHE A 286 8.33 -2.03 -14.45
CA PHE A 286 7.98 -2.21 -13.05
C PHE A 286 7.77 -3.70 -12.74
N ILE A 287 7.23 -4.48 -13.68
CA ILE A 287 7.12 -5.93 -13.49
C ILE A 287 8.50 -6.48 -13.19
N HIS A 288 9.47 -6.07 -13.99
CA HIS A 288 10.83 -6.56 -13.88
C HIS A 288 11.52 -6.13 -12.60
N ASP A 289 11.41 -4.84 -12.28
CA ASP A 289 11.93 -4.26 -11.04
C ASP A 289 11.43 -5.04 -9.86
N ALA A 290 10.10 -5.20 -9.79
CA ALA A 290 9.45 -5.80 -8.64
C ALA A 290 9.79 -7.28 -8.47
N LEU A 291 9.87 -8.00 -9.57
CA LEU A 291 10.25 -9.40 -9.54
C LEU A 291 11.71 -9.59 -9.12
N LEU A 292 12.59 -8.72 -9.60
CA LEU A 292 13.98 -8.65 -9.14
C LEU A 292 14.07 -8.36 -7.65
N GLU A 293 13.33 -7.35 -7.20
CA GLU A 293 13.18 -7.05 -5.79
C GLU A 293 12.68 -8.24 -4.97
N ALA A 294 11.93 -9.15 -5.62
CA ALA A 294 11.34 -10.32 -4.94
C ALA A 294 12.38 -11.40 -4.77
N ILE A 295 13.08 -11.66 -5.87
CA ILE A 295 14.19 -12.63 -5.90
C ILE A 295 15.31 -12.30 -4.87
N LEU A 296 15.61 -11.00 -4.69
CA LEU A 296 16.77 -10.54 -3.88
C LEU A 296 16.47 -10.21 -2.41
N GLY A 297 15.22 -9.91 -2.09
CA GLY A 297 14.86 -9.50 -0.74
C GLY A 297 14.47 -10.66 0.18
N LYS A 298 14.52 -11.89 -0.36
CA LYS A 298 14.15 -13.12 0.37
C LYS A 298 12.70 -13.06 0.83
N GLU A 299 12.38 -13.56 2.02
CA GLU A 299 11.12 -13.23 2.68
C GLU A 299 11.29 -13.10 4.19
N THR A 300 10.63 -12.08 4.72
CA THR A 300 10.99 -11.47 5.99
C THR A 300 9.83 -11.37 7.00
N GLU A 301 8.60 -11.66 6.55
CA GLU A 301 7.47 -11.61 7.44
C GLU A 301 7.45 -12.91 8.21
N VAL A 302 7.36 -12.79 9.52
CA VAL A 302 7.55 -13.91 10.44
C VAL A 302 6.45 -13.88 11.48
N SER A 303 5.84 -15.04 11.69
CA SER A 303 4.74 -15.20 12.61
C SER A 303 5.25 -15.09 14.03
N SER A 304 4.34 -14.77 14.93
CA SER A 304 4.66 -14.55 16.33
C SER A 304 5.37 -15.76 16.91
N ASN A 305 4.81 -16.95 16.66
CA ASN A 305 5.39 -18.19 17.22
C ASN A 305 6.67 -18.71 16.55
N GLN A 306 7.12 -18.04 15.50
CA GLN A 306 8.41 -18.31 14.89
C GLN A 306 9.45 -17.21 15.16
N LEU A 307 9.03 -16.11 15.77
CA LEU A 307 9.91 -14.92 15.87
C LEU A 307 11.21 -15.19 16.67
N HIS A 308 11.10 -15.87 17.80
CA HIS A 308 12.26 -16.24 18.64
C HIS A 308 13.34 -17.08 17.92
N SER A 309 12.88 -18.08 17.19
CA SER A 309 13.77 -18.94 16.43
C SER A 309 14.36 -18.23 15.21
N TYR A 310 13.53 -17.54 14.46
CA TYR A 310 13.98 -16.68 13.36
C TYR A 310 15.05 -15.69 13.78
N VAL A 311 14.84 -15.03 14.91
CA VAL A 311 15.79 -14.05 15.40
C VAL A 311 17.08 -14.77 15.73
N ASN A 312 16.98 -15.94 16.37
CA ASN A 312 18.17 -16.76 16.64
C ASN A 312 19.03 -17.06 15.41
N SER A 313 18.42 -17.57 14.34
CA SER A 313 19.18 -17.96 13.14
C SER A 313 19.66 -16.78 12.25
N ILE A 314 19.00 -15.62 12.31
CA ILE A 314 19.52 -14.45 11.58
C ILE A 314 20.73 -13.79 12.29
N LEU A 315 21.03 -14.22 13.52
CA LEU A 315 22.18 -13.72 14.31
C LEU A 315 23.44 -14.62 14.28
N ILE A 316 23.42 -15.67 13.48
CA ILE A 316 24.50 -16.64 13.43
C ILE A 316 25.12 -16.58 12.04
N PRO A 317 26.47 -16.55 11.95
CA PRO A 317 27.13 -16.42 10.64
C PRO A 317 27.34 -17.75 9.93
N THR A 323 25.98 -13.24 8.67
CA THR A 323 24.65 -13.38 9.32
C THR A 323 23.52 -12.80 8.47
N ARG A 324 22.37 -13.48 8.44
CA ARG A 324 21.22 -12.99 7.66
C ARG A 324 20.72 -11.61 8.13
N LEU A 325 20.95 -11.26 9.41
CA LEU A 325 20.68 -9.90 9.90
C LEU A 325 21.53 -8.85 9.18
N GLU A 326 22.81 -9.14 9.02
CA GLU A 326 23.74 -8.25 8.31
C GLU A 326 23.36 -8.04 6.85
N LYS A 327 22.89 -9.10 6.18
CA LYS A 327 22.55 -9.05 4.76
C LYS A 327 21.24 -8.29 4.51
N GLN A 328 20.28 -8.43 5.44
CA GLN A 328 19.07 -7.61 5.47
C GLN A 328 19.39 -6.14 5.63
N PHE A 329 20.32 -5.84 6.55
CA PHE A 329 20.58 -4.44 6.89
C PHE A 329 21.29 -3.67 5.75
N LYS A 330 22.15 -4.36 5.01
CA LYS A 330 22.76 -3.81 3.80
C LYS A 330 21.67 -3.44 2.76
N LEU A 331 20.59 -4.23 2.70
CA LEU A 331 19.43 -3.92 1.86
C LEU A 331 18.55 -2.80 2.44
N VAL A 332 18.53 -2.66 3.76
CA VAL A 332 17.76 -1.61 4.42
C VAL A 332 18.44 -0.24 4.29
N THR A 333 19.78 -0.25 4.26
CA THR A 333 20.61 0.95 4.20
C THR A 333 21.13 1.32 2.78
N GLN A 334 20.63 0.63 1.74
CA GLN A 334 20.95 0.95 0.34
C GLN A 334 20.54 2.35 -0.11
N CYS A 335 19.35 2.79 0.29
CA CYS A 335 18.95 4.22 0.25
C CYS A 335 20.14 5.20 0.21
N PHE A 343 16.65 12.53 -3.53
CA PHE A 343 16.39 13.64 -2.61
C PHE A 343 16.92 14.95 -3.21
N SER A 344 16.18 15.49 -4.17
CA SER A 344 16.65 16.59 -5.02
C SER A 344 16.48 18.01 -4.42
N ALA A 345 15.27 18.36 -3.96
CA ALA A 345 14.99 19.70 -3.44
C ALA A 345 15.75 20.01 -2.13
N GLN A 346 15.91 18.99 -1.29
CA GLN A 346 16.62 19.15 -0.03
C GLN A 346 18.01 19.73 -0.25
N LYS A 347 18.42 19.82 -1.51
CA LYS A 347 19.74 19.34 -1.92
C LYS A 347 20.50 20.43 -2.68
N GLU A 348 20.53 21.63 -2.12
CA GLU A 348 19.44 22.58 -2.27
C GLU A 348 19.97 24.02 -2.32
N CYS A 349 19.07 24.96 -2.60
CA CYS A 349 19.02 26.21 -1.86
C CYS A 349 18.21 26.06 -0.57
N ASN A 350 18.46 24.97 0.15
CA ASN A 350 17.62 24.60 1.29
C ASN A 350 18.49 23.97 2.40
N LYS A 351 19.82 24.04 2.23
CA LYS A 351 20.77 23.33 3.10
C LYS A 351 20.99 24.05 4.45
N GLU A 352 20.54 25.31 4.52
CA GLU A 352 20.52 26.06 5.78
C GLU A 352 19.16 25.88 6.51
N LYS A 353 18.25 25.14 5.88
CA LYS A 353 17.02 24.64 6.50
C LYS A 353 17.22 23.20 7.05
N ASN A 354 18.34 22.57 6.71
CA ASN A 354 18.71 21.27 7.25
C ASN A 354 19.73 21.40 8.36
N ARG A 355 19.49 20.69 9.45
CA ARG A 355 20.45 20.57 10.54
C ARG A 355 21.61 19.67 10.10
N ASN A 356 21.27 18.59 9.42
CA ASN A 356 22.22 17.62 8.93
C ASN A 356 21.64 17.10 7.64
N SER A 357 22.36 17.37 6.55
CA SER A 357 21.92 16.98 5.19
C SER A 357 22.35 15.55 4.78
N SER A 358 22.72 14.73 5.76
CA SER A 358 22.79 13.28 5.59
C SER A 358 21.43 12.66 5.91
N VAL A 359 20.66 13.36 6.75
CA VAL A 359 19.26 13.04 7.05
C VAL A 359 18.34 14.10 6.42
N VAL A 360 17.76 13.75 5.27
CA VAL A 360 16.87 14.60 4.49
C VAL A 360 15.77 13.72 3.86
N PRO A 361 14.65 14.34 3.42
CA PRO A 361 13.62 13.55 2.75
C PRO A 361 14.02 13.14 1.32
N SER A 362 13.51 11.99 0.83
CA SER A 362 13.54 11.70 -0.61
C SER A 362 12.66 12.74 -1.32
N GLU A 363 12.73 12.83 -2.64
CA GLU A 363 11.77 13.60 -3.39
C GLU A 363 10.31 13.13 -3.28
N ARG A 364 10.09 11.83 -3.36
CA ARG A 364 8.72 11.29 -3.34
C ARG A 364 8.02 11.49 -2.00
N ALA A 365 8.78 11.37 -0.90
CA ALA A 365 8.23 11.41 0.46
C ALA A 365 8.29 12.80 1.10
N ARG A 366 8.84 13.76 0.37
CA ARG A 366 9.01 15.15 0.85
C ARG A 366 7.68 15.81 1.21
N VAL A 367 7.63 16.40 2.40
CA VAL A 367 6.49 17.16 2.86
C VAL A 367 6.54 18.61 2.34
N GLY A 368 5.68 18.95 1.38
CA GLY A 368 5.63 20.29 0.82
C GLY A 368 4.79 21.28 1.61
N LEU A 369 5.29 22.52 1.70
CA LEU A 369 4.56 23.62 2.34
C LEU A 369 3.78 24.31 1.25
N ALA A 370 2.50 24.57 1.50
CA ALA A 370 1.68 25.30 0.53
C ALA A 370 2.09 26.77 0.63
N PRO A 371 2.11 27.50 -0.51
CA PRO A 371 2.37 28.94 -0.50
C PRO A 371 1.09 29.78 -0.57
N ASP A 379 8.29 26.29 -0.27
CA ASP A 379 8.41 24.92 -0.78
C ASP A 379 8.92 23.93 0.27
N TYR A 380 10.16 24.16 0.71
CA TYR A 380 10.92 23.15 1.45
C TYR A 380 10.85 23.21 2.97
N ILE A 381 10.60 22.04 3.55
CA ILE A 381 10.86 21.79 4.95
C ILE A 381 11.56 20.39 5.04
N ASN A 382 12.52 20.26 5.97
CA ASN A 382 13.14 18.96 6.20
C ASN A 382 12.17 18.06 6.96
N ALA A 383 11.28 17.41 6.20
CA ALA A 383 10.32 16.48 6.76
C ALA A 383 9.92 15.45 5.70
N SER A 384 9.64 14.23 6.18
CA SER A 384 9.27 13.09 5.35
C SER A 384 7.96 12.49 5.84
N TYR A 385 7.10 12.15 4.87
CA TYR A 385 6.01 11.23 5.13
C TYR A 385 6.60 9.84 5.35
N ILE A 386 6.00 9.15 6.31
CA ILE A 386 6.36 7.83 6.73
C ILE A 386 5.04 7.09 6.85
N MET A 387 5.04 5.83 6.47
CA MET A 387 3.85 5.00 6.54
C MET A 387 3.60 4.46 7.92
N GLY A 388 2.33 4.23 8.22
CA GLY A 388 1.96 3.45 9.39
C GLY A 388 1.36 2.12 9.00
N TYR A 389 0.79 1.41 9.99
CA TYR A 389 0.07 0.16 9.78
C TYR A 389 -1.24 0.34 8.98
N TYR A 390 -2.00 1.36 9.35
CA TYR A 390 -3.35 1.62 8.80
C TYR A 390 -3.37 2.58 7.62
N ARG A 391 -2.43 3.51 7.58
CA ARG A 391 -2.38 4.54 6.57
C ARG A 391 -0.98 4.81 6.08
N SER A 392 -0.88 5.14 4.81
CA SER A 392 0.32 5.73 4.27
C SER A 392 0.31 7.18 4.76
N ASN A 393 1.44 7.75 5.05
CA ASN A 393 1.35 9.13 5.56
C ASN A 393 0.72 9.26 6.96
N GLU A 394 0.74 8.18 7.74
CA GLU A 394 0.36 8.20 9.14
C GLU A 394 1.26 9.15 9.96
N PHE A 395 2.57 9.09 9.69
CA PHE A 395 3.56 9.97 10.30
C PHE A 395 4.25 10.95 9.35
N ILE A 396 4.73 12.04 9.95
CA ILE A 396 5.74 12.90 9.35
C ILE A 396 6.92 12.86 10.33
N ILE A 397 8.06 12.33 9.87
CA ILE A 397 9.31 12.44 10.61
C ILE A 397 10.01 13.71 10.16
N THR A 398 10.33 14.58 11.12
CA THR A 398 11.00 15.82 10.82
C THR A 398 12.13 16.07 11.81
N GLN A 399 12.83 17.18 11.62
CA GLN A 399 13.90 17.59 12.50
C GLN A 399 13.35 18.58 13.52
N HIS A 400 13.98 18.64 14.71
CA HIS A 400 13.75 19.75 15.68
C HIS A 400 13.78 21.11 14.93
N PRO A 401 12.67 21.88 14.95
CA PRO A 401 12.75 23.18 14.26
C PRO A 401 13.92 24.11 14.65
N LEU A 402 14.61 24.64 13.64
CA LEU A 402 15.61 25.69 13.87
C LEU A 402 14.82 26.96 14.03
N PRO A 403 15.39 27.99 14.72
CA PRO A 403 14.69 29.27 14.92
C PRO A 403 14.18 29.95 13.64
N HIS A 404 14.93 29.76 12.54
CA HIS A 404 14.55 30.23 11.21
C HIS A 404 13.70 29.21 10.41
N THR A 405 13.27 28.16 11.11
CA THR A 405 12.47 27.07 10.52
C THR A 405 11.17 26.79 11.33
N THR A 406 10.90 27.65 12.31
CA THR A 406 9.76 27.52 13.21
C THR A 406 8.45 27.92 12.53
N LYS A 407 8.49 28.95 11.69
CA LYS A 407 7.33 29.34 10.89
C LYS A 407 6.96 28.25 9.89
N ASP A 408 7.98 27.67 9.25
CA ASP A 408 7.79 26.58 8.31
C ASP A 408 7.24 25.32 8.97
N PHE A 409 7.78 24.98 10.13
CA PHE A 409 7.24 23.86 10.92
C PHE A 409 5.75 23.99 11.21
N TRP A 410 5.32 25.12 11.75
CA TRP A 410 3.91 25.33 12.03
C TRP A 410 3.03 25.45 10.81
N ARG A 411 3.58 25.92 9.70
CA ARG A 411 2.90 25.89 8.40
C ARG A 411 2.62 24.46 7.93
N MET A 412 3.54 23.54 8.23
CA MET A 412 3.38 22.12 7.94
C MET A 412 2.26 21.52 8.77
N ILE A 413 2.29 21.74 10.09
CA ILE A 413 1.21 21.33 11.00
C ILE A 413 -0.11 21.78 10.43
N TRP A 414 -0.21 23.07 10.15
CA TRP A 414 -1.40 23.69 9.61
C TRP A 414 -1.82 23.08 8.26
N ASP A 415 -0.90 23.01 7.32
CA ASP A 415 -1.21 22.53 5.98
C ASP A 415 -1.67 21.09 5.99
N HIS A 416 -1.11 20.28 6.89
CA HIS A 416 -1.48 18.86 6.97
C HIS A 416 -2.53 18.55 8.01
N ASN A 417 -3.02 19.60 8.69
CA ASN A 417 -4.03 19.44 9.73
C ASN A 417 -3.60 18.42 10.80
N ALA A 418 -2.31 18.42 11.11
CA ALA A 418 -1.73 17.56 12.13
C ALA A 418 -2.13 18.01 13.54
N GLN A 419 -2.56 17.06 14.35
CA GLN A 419 -3.03 17.34 15.69
C GLN A 419 -2.15 16.78 16.80
N ILE A 420 -1.07 16.07 16.44
CA ILE A 420 -0.10 15.49 17.39
C ILE A 420 1.35 15.76 16.96
N ILE A 421 2.13 16.26 17.94
CA ILE A 421 3.58 16.44 17.81
C ILE A 421 4.26 15.69 18.94
N VAL A 422 5.08 14.71 18.58
CA VAL A 422 5.92 13.99 19.52
C VAL A 422 7.32 14.58 19.37
N MET A 423 7.83 15.17 20.46
CA MET A 423 9.21 15.64 20.50
C MET A 423 10.03 14.71 21.38
N LEU A 424 11.11 14.20 20.79
CA LEU A 424 12.02 13.28 21.43
C LEU A 424 13.37 13.94 21.65
N PRO A 425 13.60 14.51 22.84
CA PRO A 425 14.96 14.92 23.19
C PRO A 425 15.68 13.78 23.88
N PHE A 435 15.59 23.94 22.78
CA PHE A 435 15.09 25.14 22.11
C PHE A 435 13.58 25.07 21.93
N VAL A 436 12.89 26.09 22.45
CA VAL A 436 11.43 26.17 22.37
C VAL A 436 11.07 26.88 21.06
N TYR A 437 10.30 26.17 20.24
CA TYR A 437 9.79 26.68 18.98
C TYR A 437 8.30 26.95 19.08
N TRP A 438 7.75 26.77 20.29
CA TRP A 438 6.33 26.92 20.55
C TRP A 438 6.04 28.20 21.38
N PRO A 439 4.82 28.76 21.22
CA PRO A 439 4.42 29.97 21.96
C PRO A 439 4.20 29.77 23.49
N SER A 440 4.33 30.89 24.20
CA SER A 440 4.04 30.97 25.65
C SER A 440 2.66 31.63 25.82
N ARG A 441 2.15 31.67 27.05
CA ARG A 441 0.84 32.29 27.28
C ARG A 441 0.86 33.81 26.97
N GLU A 442 1.96 34.47 27.33
CA GLU A 442 2.14 35.91 27.08
C GLU A 442 1.99 36.26 25.59
N GLU A 443 2.82 35.67 24.75
CA GLU A 443 2.79 35.98 23.31
C GLU A 443 2.44 34.75 22.44
N SER A 444 1.26 34.82 21.80
CA SER A 444 0.91 34.03 20.61
C SER A 444 1.96 34.15 19.51
N MET A 445 1.95 33.15 18.61
CA MET A 445 2.81 33.16 17.44
C MET A 445 2.03 33.52 16.18
N ASN A 446 2.56 34.47 15.43
CA ASN A 446 1.90 34.92 14.22
C ASN A 446 2.56 34.28 13.01
N CYS A 447 1.80 33.38 12.36
CA CYS A 447 2.14 32.93 11.03
C CYS A 447 1.08 33.54 10.14
N GLU A 448 1.46 34.08 9.00
CA GLU A 448 0.55 34.93 8.20
C GLU A 448 -0.89 34.41 8.15
N ALA A 449 -1.01 33.13 7.81
CA ALA A 449 -2.26 32.48 7.51
C ALA A 449 -3.02 32.06 8.77
N PHE A 450 -2.30 31.90 9.88
CA PHE A 450 -2.90 31.44 11.14
C PHE A 450 -2.06 31.96 12.30
N THR A 451 -2.60 31.88 13.53
CA THR A 451 -1.79 32.10 14.74
C THR A 451 -1.71 30.84 15.61
N VAL A 452 -0.59 30.65 16.33
CA VAL A 452 -0.45 29.59 17.33
C VAL A 452 -0.56 30.20 18.73
N THR A 453 -1.39 29.57 19.56
CA THR A 453 -1.74 30.02 20.88
C THR A 453 -1.72 28.78 21.80
N LEU A 454 -0.95 28.86 22.89
CA LEU A 454 -1.04 27.89 23.99
C LEU A 454 -2.38 28.06 24.72
N ILE A 455 -3.05 26.95 25.01
CA ILE A 455 -4.31 26.97 25.77
C ILE A 455 -4.22 26.21 27.12
N SER A 456 -3.30 25.25 27.23
CA SER A 456 -2.95 24.65 28.54
C SER A 456 -1.67 23.81 28.46
N LYS A 457 -1.04 23.63 29.60
CA LYS A 457 0.16 22.81 29.77
C LYS A 457 -0.23 21.71 30.76
N ASP A 458 0.45 20.58 30.72
CA ASP A 458 0.07 19.46 31.59
C ASP A 458 1.17 18.37 31.53
N ARG A 459 0.95 17.25 32.20
CA ARG A 459 1.93 16.17 32.17
C ARG A 459 1.30 14.79 32.43
N LEU A 460 1.80 13.78 31.71
CA LEU A 460 1.43 12.38 31.94
C LEU A 460 2.59 11.75 32.66
N CYS A 461 2.31 10.71 33.45
CA CYS A 461 3.33 10.00 34.21
C CYS A 461 3.58 8.63 33.62
N LEU A 462 4.77 8.09 33.85
CA LEU A 462 5.15 6.75 33.37
C LEU A 462 5.77 5.91 34.49
N SER A 463 6.33 4.76 34.13
CA SER A 463 6.66 3.71 35.08
C SER A 463 7.76 4.06 36.09
N ASN A 464 8.88 4.63 35.60
CA ASN A 464 10.03 4.89 36.47
C ASN A 464 10.04 6.32 37.00
N GLU A 465 8.85 6.81 37.37
CA GLU A 465 8.60 8.22 37.70
C GLU A 465 9.06 9.15 36.58
N GLU A 466 8.88 8.74 35.33
CA GLU A 466 9.20 9.60 34.17
C GLU A 466 7.96 10.37 33.66
N GLN A 467 8.20 11.58 33.14
CA GLN A 467 7.09 12.47 32.74
C GLN A 467 7.11 12.82 31.25
N ILE A 468 5.91 12.91 30.67
CA ILE A 468 5.69 13.53 29.37
C ILE A 468 5.10 14.86 29.66
N ILE A 469 5.72 15.94 29.20
CA ILE A 469 5.12 17.29 29.25
C ILE A 469 4.23 17.54 28.04
N ILE A 470 2.96 17.89 28.31
CA ILE A 470 1.95 18.21 27.28
C ILE A 470 1.63 19.70 27.21
N HIS A 471 1.67 20.28 26.02
CA HIS A 471 1.16 21.65 25.77
C HIS A 471 0.11 21.57 24.66
N ASP A 472 -1.02 22.21 24.87
CA ASP A 472 -2.10 22.21 23.92
C ASP A 472 -2.16 23.57 23.26
N PHE A 473 -2.09 23.55 21.92
CA PHE A 473 -2.14 24.76 21.10
C PHE A 473 -3.39 24.77 20.25
N ILE A 474 -3.85 25.98 19.92
CA ILE A 474 -4.83 26.16 18.85
C ILE A 474 -4.22 27.03 17.76
N LEU A 475 -4.37 26.58 16.53
CA LEU A 475 -3.99 27.38 15.36
C LEU A 475 -5.30 27.91 14.79
N GLU A 476 -5.46 29.23 14.80
CA GLU A 476 -6.66 29.85 14.25
C GLU A 476 -6.33 30.53 12.95
N ALA A 477 -7.10 30.27 11.90
CA ALA A 477 -6.93 30.98 10.65
C ALA A 477 -7.13 32.49 10.86
N THR A 478 -6.30 33.28 10.18
CA THR A 478 -6.43 34.73 10.20
C THR A 478 -7.45 35.29 9.19
N GLN A 479 -7.70 34.57 8.10
CA GLN A 479 -8.64 34.96 7.05
C GLN A 479 -9.71 33.92 6.81
N ASP A 480 -9.99 33.16 7.87
CA ASP A 480 -11.06 32.19 7.90
C ASP A 480 -11.27 31.90 9.39
N ASP A 481 -12.28 31.08 9.71
CA ASP A 481 -12.62 30.78 11.08
C ASP A 481 -12.16 29.40 11.60
N TYR A 482 -11.44 28.63 10.78
CA TYR A 482 -10.97 27.33 11.20
C TYR A 482 -9.99 27.41 12.35
N VAL A 483 -10.13 26.47 13.28
CA VAL A 483 -9.23 26.34 14.42
C VAL A 483 -8.76 24.92 14.43
N LEU A 484 -7.45 24.72 14.62
CA LEU A 484 -6.84 23.39 14.66
C LEU A 484 -6.24 23.16 16.04
N GLU A 485 -6.71 22.09 16.70
CA GLU A 485 -6.22 21.71 18.00
C GLU A 485 -5.06 20.78 17.80
N VAL A 486 -3.92 21.20 18.36
CA VAL A 486 -2.66 20.49 18.26
C VAL A 486 -2.08 20.21 19.65
N ARG A 487 -1.91 18.93 19.99
CA ARG A 487 -1.24 18.52 21.22
C ARG A 487 0.21 18.12 21.03
N HIS A 488 1.04 18.65 21.92
CA HIS A 488 2.49 18.53 21.88
C HIS A 488 2.98 17.68 23.07
N PHE A 489 3.70 16.61 22.77
CA PHE A 489 4.32 15.76 23.79
C PHE A 489 5.82 15.94 23.83
N GLN A 490 6.34 16.41 24.96
CA GLN A 490 7.77 16.37 25.25
C GLN A 490 8.10 15.14 26.05
N CYS A 491 8.78 14.20 25.42
CA CYS A 491 8.95 12.90 26.00
C CYS A 491 10.25 12.86 26.76
N PRO A 492 10.34 11.95 27.75
CA PRO A 492 11.64 11.70 28.37
C PRO A 492 12.60 11.10 27.35
N LYS A 493 13.80 10.75 27.82
CA LYS A 493 14.76 9.98 27.04
C LYS A 493 14.11 8.64 26.72
N TRP A 494 14.11 8.27 25.44
CA TRP A 494 13.39 7.10 25.01
C TRP A 494 14.11 6.49 23.82
N PRO A 495 14.24 5.13 23.78
CA PRO A 495 13.99 4.12 24.83
C PRO A 495 14.86 4.28 26.08
N ASN A 496 14.27 3.93 27.22
CA ASN A 496 14.98 3.86 28.52
C ASN A 496 15.79 2.56 28.65
N PRO A 497 17.14 2.68 28.57
CA PRO A 497 18.05 1.52 28.53
C PRO A 497 18.12 0.75 29.85
N ASP A 498 17.63 1.34 30.94
CA ASP A 498 17.53 0.59 32.17
C ASP A 498 16.09 0.45 32.71
N ALA A 499 15.13 0.26 31.81
CA ALA A 499 13.89 -0.43 32.11
C ALA A 499 13.90 -1.64 31.20
N PRO A 500 13.06 -2.64 31.53
CA PRO A 500 12.95 -3.74 30.58
C PRO A 500 12.68 -3.22 29.15
N ILE A 501 13.23 -3.89 28.14
CA ILE A 501 13.06 -3.50 26.75
C ILE A 501 11.57 -3.43 26.35
N SER A 502 10.72 -4.24 26.99
CA SER A 502 9.30 -4.24 26.73
C SER A 502 8.60 -2.94 27.16
N SER A 503 9.24 -2.15 28.03
CA SER A 503 8.74 -0.84 28.45
C SER A 503 8.93 0.23 27.40
N THR A 504 9.74 -0.07 26.40
CA THR A 504 9.80 0.73 25.16
C THR A 504 8.38 1.08 24.60
N PHE A 505 7.43 0.13 24.73
CA PHE A 505 6.09 0.29 24.14
C PHE A 505 5.12 1.10 24.98
N GLU A 506 5.47 1.38 26.21
CA GLU A 506 4.60 2.24 27.04
C GLU A 506 4.35 3.61 26.36
N LEU A 507 5.41 4.31 26.00
CA LEU A 507 5.29 5.60 25.27
C LEU A 507 4.56 5.45 23.89
N ILE A 508 4.86 4.37 23.17
CA ILE A 508 4.18 4.06 21.94
C ILE A 508 2.68 3.92 22.15
N ASN A 509 2.30 3.17 23.16
CA ASN A 509 0.88 2.98 23.53
C ASN A 509 0.16 4.26 23.97
N VAL A 510 0.84 5.15 24.68
CA VAL A 510 0.29 6.50 24.99
C VAL A 510 0.03 7.30 23.70
N ILE A 511 0.95 7.29 22.74
CA ILE A 511 0.75 8.02 21.46
C ILE A 511 -0.37 7.41 20.61
N LYS A 512 -0.37 6.08 20.48
CA LYS A 512 -1.49 5.34 19.86
C LYS A 512 -2.87 5.76 20.37
N GLU A 513 -3.00 5.91 21.68
CA GLU A 513 -4.30 6.17 22.26
C GLU A 513 -4.80 7.58 22.01
N GLU A 514 -3.89 8.54 21.98
CA GLU A 514 -4.13 9.93 21.53
C GLU A 514 -4.48 10.05 20.08
N ALA A 515 -3.74 9.33 19.26
CA ALA A 515 -3.94 9.30 17.81
C ALA A 515 -5.36 8.84 17.50
N LEU A 516 -5.90 7.92 18.29
CA LEU A 516 -7.28 7.44 18.09
C LEU A 516 -8.30 8.57 18.08
N THR A 517 -8.09 9.62 18.89
CA THR A 517 -9.07 10.70 19.03
C THR A 517 -8.84 11.90 18.09
N ARG A 518 -7.74 11.86 17.34
CA ARG A 518 -7.29 13.00 16.53
C ARG A 518 -7.15 12.61 15.06
N ASP A 519 -7.09 13.62 14.20
CA ASP A 519 -6.95 13.40 12.78
C ASP A 519 -5.62 13.90 12.29
N GLY A 520 -5.35 13.66 11.01
CA GLY A 520 -4.16 14.15 10.34
C GLY A 520 -2.98 13.31 10.70
N PRO A 521 -1.81 13.65 10.15
CA PRO A 521 -0.56 12.98 10.57
C PRO A 521 -0.03 13.32 12.01
N THR A 522 0.82 12.43 12.48
CA THR A 522 1.55 12.53 13.72
C THR A 522 2.95 13.00 13.35
N ILE A 523 3.32 14.17 13.87
CA ILE A 523 4.66 14.72 13.60
C ILE A 523 5.58 14.11 14.66
N VAL A 524 6.66 13.47 14.22
CA VAL A 524 7.68 12.98 15.16
C VAL A 524 9.04 13.58 14.81
N HIS A 525 9.66 14.23 15.79
CA HIS A 525 11.00 14.73 15.63
C HIS A 525 11.90 14.46 16.81
N ASP A 526 13.17 14.23 16.51
CA ASP A 526 14.24 14.25 17.50
C ASP A 526 15.10 15.43 17.06
N GLU A 527 16.43 15.33 17.07
CA GLU A 527 17.23 16.47 16.60
C GLU A 527 17.20 16.59 15.05
N TYR A 528 17.54 15.51 14.36
CA TYR A 528 17.69 15.51 12.91
C TYR A 528 16.54 14.84 12.18
N GLY A 529 15.65 14.18 12.91
CA GLY A 529 14.64 13.30 12.30
C GLY A 529 15.28 11.94 11.96
N ALA A 530 16.08 11.42 12.89
CA ALA A 530 16.90 10.25 12.68
C ALA A 530 16.38 9.09 13.54
N VAL A 531 17.28 8.36 14.21
CA VAL A 531 16.93 7.04 14.77
C VAL A 531 15.79 7.00 15.79
N SER A 532 15.68 7.99 16.66
CA SER A 532 14.68 7.96 17.74
C SER A 532 13.28 8.19 17.16
N ALA A 533 13.16 9.20 16.32
CA ALA A 533 11.98 9.44 15.48
C ALA A 533 11.56 8.19 14.68
N GLY A 534 12.51 7.58 13.98
CA GLY A 534 12.22 6.41 13.14
C GLY A 534 11.75 5.23 13.95
N MET A 535 12.41 5.04 15.10
CA MET A 535 12.13 3.95 16.04
C MET A 535 10.72 4.04 16.62
N LEU A 536 10.24 5.25 16.92
CA LEU A 536 8.84 5.42 17.36
C LEU A 536 7.86 5.00 16.27
N CYS A 537 8.14 5.39 15.04
CA CYS A 537 7.33 5.04 13.86
C CYS A 537 7.40 3.55 13.57
N ALA A 538 8.62 2.99 13.52
CA ALA A 538 8.80 1.56 13.19
C ALA A 538 8.12 0.65 14.21
N LEU A 539 8.38 0.93 15.50
CA LEU A 539 7.82 0.14 16.59
C LEU A 539 6.31 0.27 16.73
N THR A 540 5.75 1.47 16.51
CA THR A 540 4.28 1.64 16.36
C THR A 540 3.68 0.78 15.23
N THR A 541 4.28 0.84 14.06
CA THR A 541 3.79 0.06 12.91
C THR A 541 3.84 -1.44 13.22
N LEU A 542 5.00 -1.89 13.69
CA LEU A 542 5.22 -3.33 13.90
C LEU A 542 4.41 -3.93 15.02
N SER A 543 4.14 -3.13 16.06
CA SER A 543 3.23 -3.54 17.13
C SER A 543 1.77 -3.55 16.69
N GLN A 544 1.37 -2.66 15.80
CA GLN A 544 0.02 -2.76 15.21
C GLN A 544 -0.09 -3.98 14.28
N GLN A 545 0.97 -4.30 13.56
CA GLN A 545 1.03 -5.53 12.78
C GLN A 545 0.94 -6.84 13.62
N LEU A 546 1.79 -6.98 14.64
CA LEU A 546 1.75 -8.11 15.58
C LEU A 546 0.37 -8.27 16.23
N GLU A 547 -0.16 -7.16 16.73
CA GLU A 547 -1.50 -7.11 17.27
C GLU A 547 -2.57 -7.57 16.25
N ASN A 548 -2.55 -7.01 15.05
CA ASN A 548 -3.60 -7.29 14.06
C ASN A 548 -3.41 -8.57 13.26
N GLU A 549 -2.15 -8.99 13.09
CA GLU A 549 -1.83 -10.17 12.24
C GLU A 549 -1.08 -11.28 12.95
N ASN A 550 -0.62 -11.08 14.16
CA ASN A 550 0.19 -12.09 14.85
C ASN A 550 1.41 -12.44 13.98
N ALA A 551 1.88 -11.42 13.28
CA ALA A 551 3.00 -11.50 12.34
C ALA A 551 3.76 -10.19 12.39
N VAL A 552 5.04 -10.25 12.04
CA VAL A 552 5.89 -9.07 12.04
C VAL A 552 6.82 -9.09 10.81
N ASP A 553 7.03 -7.92 10.20
CA ASP A 553 7.90 -7.78 9.05
C ASP A 553 8.84 -6.58 9.26
N VAL A 554 9.86 -6.82 10.07
CA VAL A 554 10.77 -5.78 10.55
C VAL A 554 11.51 -5.14 9.39
N PHE A 555 12.06 -5.96 8.49
CA PHE A 555 12.79 -5.51 7.29
C PHE A 555 11.99 -4.56 6.42
N GLN A 556 10.77 -4.94 6.07
CA GLN A 556 9.91 -4.07 5.27
C GLN A 556 9.65 -2.73 5.94
N VAL A 557 9.29 -2.75 7.22
CA VAL A 557 8.99 -1.49 7.91
C VAL A 557 10.24 -0.60 7.93
N ALA A 558 11.40 -1.22 8.20
CA ALA A 558 12.67 -0.49 8.32
C ALA A 558 13.18 0.00 6.96
N LYS A 559 13.09 -0.88 5.94
CA LYS A 559 13.38 -0.50 4.54
C LYS A 559 12.54 0.68 4.07
N MET A 560 11.23 0.67 4.33
CA MET A 560 10.36 1.77 3.86
C MET A 560 10.68 3.10 4.56
N ILE A 561 11.00 3.06 5.84
CA ILE A 561 11.33 4.28 6.57
C ILE A 561 12.56 4.96 5.95
N ASN A 562 13.61 4.16 5.71
CA ASN A 562 14.85 4.60 5.06
C ASN A 562 14.70 4.99 3.57
N LEU A 563 13.80 4.32 2.84
CA LEU A 563 13.51 4.70 1.45
C LEU A 563 12.85 6.10 1.40
N MET A 564 11.97 6.38 2.36
CA MET A 564 11.24 7.66 2.43
C MET A 564 12.05 8.80 3.13
N ARG A 565 13.07 8.41 3.91
CA ARG A 565 13.98 9.35 4.53
C ARG A 565 15.33 8.68 4.82
N PRO A 566 16.28 8.72 3.86
CA PRO A 566 17.68 8.29 4.01
C PRO A 566 18.44 8.74 5.28
N GLY A 567 19.01 7.76 5.99
CA GLY A 567 19.80 8.00 7.23
C GLY A 567 19.05 8.03 8.55
N VAL A 568 17.86 7.42 8.56
CA VAL A 568 17.14 7.21 9.80
C VAL A 568 17.79 6.06 10.60
N PHE A 569 17.88 4.90 9.96
CA PHE A 569 18.57 3.75 10.50
C PHE A 569 19.90 3.63 9.80
N THR A 570 20.99 3.79 10.57
CA THR A 570 22.35 3.74 10.03
C THR A 570 23.27 2.67 10.67
N ASP A 571 23.03 2.32 11.94
CA ASP A 571 23.79 1.24 12.63
C ASP A 571 22.97 -0.04 12.79
N ILE A 572 23.64 -1.18 12.65
CA ILE A 572 23.01 -2.49 12.71
C ILE A 572 22.42 -2.81 14.09
N GLU A 573 22.95 -2.16 15.13
CA GLU A 573 22.44 -2.35 16.49
C GLU A 573 21.03 -1.76 16.65
N GLN A 574 20.75 -0.64 15.98
CA GLN A 574 19.39 -0.01 15.94
C GLN A 574 18.38 -0.95 15.32
N TYR A 575 18.82 -1.67 14.28
CA TYR A 575 18.01 -2.64 13.53
C TYR A 575 17.74 -3.90 14.35
N GLN A 576 18.79 -4.41 14.98
CA GLN A 576 18.70 -5.52 15.93
C GLN A 576 17.76 -5.23 17.10
N PHE A 577 17.84 -4.01 17.63
CA PHE A 577 16.91 -3.56 18.67
C PHE A 577 15.43 -3.59 18.23
N ILE A 578 15.15 -3.40 16.95
CA ILE A 578 13.77 -3.58 16.47
C ILE A 578 13.35 -5.06 16.64
N TYR A 579 14.22 -5.98 16.22
CA TYR A 579 13.98 -7.38 16.48
C TYR A 579 13.85 -7.66 17.97
N LYS A 580 14.85 -7.28 18.78
CA LYS A 580 14.80 -7.57 20.23
C LYS A 580 13.53 -7.02 20.88
N ALA A 581 13.12 -5.82 20.46
CA ALA A 581 11.99 -5.16 21.09
C ALA A 581 10.69 -5.85 20.76
N MET A 582 10.52 -6.19 19.47
CA MET A 582 9.33 -6.88 19.03
C MET A 582 9.24 -8.26 19.68
N LEU A 583 10.39 -8.95 19.79
CA LEU A 583 10.50 -10.19 20.57
C LEU A 583 9.94 -10.12 22.00
N SER A 584 10.15 -9.01 22.70
CA SER A 584 9.66 -8.86 24.08
C SER A 584 8.12 -8.76 24.23
N LEU A 585 7.41 -8.68 23.10
CA LEU A 585 5.95 -8.63 23.10
C LEU A 585 5.30 -9.95 22.76
N VAL A 586 6.10 -10.91 22.31
CA VAL A 586 5.54 -12.18 21.81
C VAL A 586 4.92 -13.06 22.90
N SER A 587 5.44 -12.96 24.13
CA SER A 587 4.88 -13.68 25.28
C SER A 587 3.65 -14.56 24.98
#